data_5TPC
#
_entry.id   5TPC
#
_cell.length_a   73.972
_cell.length_b   114.302
_cell.length_c   106.495
_cell.angle_alpha   90.000
_cell.angle_beta   90.000
_cell.angle_gamma   90.000
#
_symmetry.space_group_name_H-M   'C 2 2 21'
#
loop_
_entity.id
_entity.type
_entity.pdbx_description
1 polymer 'Botulinum neurotoxin type A'
2 branched 'N-acetyl-alpha-neuraminic acid-(2-3)-beta-D-galactopyranose'
3 branched 'N-acetyl-alpha-neuraminic acid-(2-3)-beta-D-galactopyranose-(1-3)-2-acetamido-2-deoxy-beta-D-galactopyranose'
4 water water
#
_entity_poly.entity_id   1
_entity_poly.type   'polypeptide(L)'
_entity_poly.pdbx_seq_one_letter_code
;HMDTSILNLRYESNHLIDLSRYASKINIGSKVNFDPIDKNQIQLFNLESSKIEVILKNAIVYNSMYENFSTSFWIRIPKY
FNSISLNNEYTIINCMENNSGWKVSLNYGEIIWTLQDTQEIKQRVVFKYSQMINISDYINRWIFVTITNNRLNNSKIYIN
GRLIDQKPISNLGNIHASNNIMFKLDGCRDTHRYIWIKYFNLFDKELNEKEIKDLYDNQSNSGILKDFWGDYLQYDKPYY
MLNLYDPNKYVDVNNVGIRGYMYLKGPRGSVMTTNIYLNSSLYRGTKFIIKKYASGNKDNIVRNNDRVYINVVVKNKEYR
LATNASQAGVEKILSALEIPDVGNLSQVVVMKSKNDQGITNKCKMNLQDNNGNDIGFIGFHQFNNIAKLVASNWYNRQIE
RSSRTLGCSWEFIPVDDGWGERPLQ
;
_entity_poly.pdbx_strand_id   A
#
# COMPACT_ATOMS: atom_id res chain seq x y z
N HIS A 1 -8.97 -19.73 19.50
CA HIS A 1 -8.64 -20.98 20.25
C HIS A 1 -8.07 -22.08 19.35
N MET A 2 -7.86 -21.70 18.08
CA MET A 2 -7.48 -22.62 17.03
C MET A 2 -6.95 -21.72 15.91
N ASP A 3 -5.69 -21.91 15.51
CA ASP A 3 -5.19 -21.19 14.33
C ASP A 3 -5.57 -22.03 13.12
N THR A 4 -6.24 -21.40 12.16
CA THR A 4 -6.77 -22.11 11.01
C THR A 4 -5.87 -21.96 9.77
N SER A 5 -4.76 -21.24 9.94
CA SER A 5 -3.75 -21.15 8.88
C SER A 5 -3.00 -22.48 8.77
N ILE A 6 -2.98 -23.07 7.58
CA ILE A 6 -2.27 -24.33 7.30
C ILE A 6 -1.04 -24.09 6.41
N LEU A 7 -0.80 -22.82 6.08
CA LEU A 7 0.40 -22.37 5.38
C LEU A 7 0.54 -20.88 5.68
N ASN A 8 1.72 -20.48 6.16
CA ASN A 8 1.97 -19.09 6.53
C ASN A 8 3.40 -18.72 6.16
N LEU A 9 3.56 -18.16 4.97
CA LEU A 9 4.89 -17.85 4.42
C LEU A 9 5.43 -16.54 4.99
N ARG A 10 6.60 -16.62 5.63
CA ARG A 10 7.17 -15.46 6.29
C ARG A 10 8.70 -15.54 6.25
N TYR A 11 9.34 -14.38 6.10
CA TYR A 11 10.81 -14.31 6.22
C TYR A 11 11.14 -14.21 7.68
N GLU A 12 11.78 -15.26 8.20
CA GLU A 12 12.18 -15.33 9.60
C GLU A 12 13.44 -16.16 9.76
N SER A 13 14.26 -15.76 10.73
N SER A 13 14.27 -15.76 10.72
CA SER A 13 15.55 -16.41 10.98
CA SER A 13 15.55 -16.42 10.98
C SER A 13 16.33 -16.65 9.69
C SER A 13 16.33 -16.65 9.69
N ASN A 14 16.52 -15.58 8.93
CA ASN A 14 17.33 -15.55 7.69
C ASN A 14 16.80 -16.32 6.47
N HIS A 15 15.57 -16.84 6.56
CA HIS A 15 15.00 -17.56 5.43
C HIS A 15 13.51 -17.30 5.28
N LEU A 16 13.03 -17.41 4.06
CA LEU A 16 11.60 -17.45 3.77
C LEU A 16 11.13 -18.85 4.11
N ILE A 17 10.21 -18.96 5.07
CA ILE A 17 9.78 -20.27 5.57
C ILE A 17 8.28 -20.32 5.82
N ASP A 18 7.73 -21.53 5.89
CA ASP A 18 6.35 -21.74 6.32
C ASP A 18 6.34 -21.84 7.83
N LEU A 19 5.63 -20.91 8.49
CA LEU A 19 5.56 -20.91 9.95
C LEU A 19 4.58 -21.94 10.52
N SER A 20 3.70 -22.48 9.70
CA SER A 20 2.68 -23.43 10.19
C SER A 20 3.30 -24.71 10.71
N ARG A 21 2.48 -25.52 11.39
CA ARG A 21 2.94 -26.79 11.92
C ARG A 21 3.42 -27.72 10.82
N TYR A 22 2.94 -27.51 9.60
CA TYR A 22 3.28 -28.41 8.50
C TYR A 22 4.68 -28.24 7.94
N ALA A 23 5.27 -27.07 8.14
CA ALA A 23 6.62 -26.75 7.63
C ALA A 23 6.80 -27.19 6.18
N SER A 24 5.85 -26.81 5.31
CA SER A 24 5.92 -27.17 3.91
C SER A 24 7.22 -26.61 3.32
N LYS A 25 7.80 -27.34 2.36
CA LYS A 25 9.11 -26.97 1.83
C LYS A 25 9.00 -25.89 0.77
N ILE A 26 9.96 -24.96 0.80
CA ILE A 26 10.00 -23.81 -0.11
C ILE A 26 11.22 -23.94 -1.01
N ASN A 27 11.04 -23.70 -2.31
CA ASN A 27 12.14 -23.66 -3.27
C ASN A 27 12.14 -22.32 -3.97
N ILE A 28 13.21 -21.55 -3.81
CA ILE A 28 13.29 -20.18 -4.34
C ILE A 28 14.21 -20.12 -5.56
N GLY A 29 13.72 -19.60 -6.68
CA GLY A 29 14.53 -19.46 -7.88
C GLY A 29 15.60 -18.38 -7.76
N SER A 30 16.57 -18.42 -8.65
CA SER A 30 17.71 -17.50 -8.61
C SER A 30 17.39 -16.04 -8.97
N LYS A 31 16.22 -15.80 -9.59
CA LYS A 31 15.88 -14.45 -10.03
C LYS A 31 14.70 -13.87 -9.24
N VAL A 32 14.56 -14.32 -8.00
CA VAL A 32 13.60 -13.74 -7.06
C VAL A 32 14.32 -12.62 -6.34
N ASN A 33 13.69 -11.45 -6.28
CA ASN A 33 14.26 -10.30 -5.61
C ASN A 33 13.57 -10.03 -4.28
N PHE A 34 14.35 -9.68 -3.25
CA PHE A 34 13.80 -9.26 -1.96
C PHE A 34 14.10 -7.79 -1.64
N ASP A 35 13.14 -7.11 -1.00
CA ASP A 35 13.31 -5.71 -0.54
C ASP A 35 14.35 -5.63 0.59
N PRO A 36 15.37 -4.77 0.45
CA PRO A 36 16.44 -4.67 1.46
C PRO A 36 15.96 -4.08 2.77
N ILE A 37 14.90 -3.28 2.74
CA ILE A 37 14.41 -2.58 3.92
C ILE A 37 13.33 -3.40 4.63
N ASP A 38 12.37 -3.93 3.87
CA ASP A 38 11.35 -4.84 4.40
C ASP A 38 11.55 -6.23 3.80
N LYS A 39 12.22 -7.10 4.56
CA LYS A 39 12.71 -8.38 4.07
C LYS A 39 11.63 -9.38 3.63
N ASN A 40 10.38 -9.13 4.03
CA ASN A 40 9.23 -9.98 3.66
C ASN A 40 8.63 -9.72 2.28
N GLN A 41 9.02 -8.59 1.67
CA GLN A 41 8.52 -8.21 0.37
C GLN A 41 9.30 -8.89 -0.75
N ILE A 42 8.57 -9.65 -1.57
CA ILE A 42 9.15 -10.49 -2.62
C ILE A 42 8.75 -9.99 -4.00
N GLN A 43 9.74 -9.82 -4.89
CA GLN A 43 9.48 -9.36 -6.26
C GLN A 43 9.67 -10.50 -7.27
N LEU A 44 8.63 -10.76 -8.05
CA LEU A 44 8.66 -11.77 -9.10
C LEU A 44 8.60 -11.08 -10.49
N PHE A 45 9.64 -11.29 -11.29
CA PHE A 45 9.73 -10.72 -12.65
C PHE A 45 9.12 -11.69 -13.66
N ASN A 46 8.99 -11.24 -14.91
CA ASN A 46 8.52 -12.12 -15.96
C ASN A 46 9.69 -12.92 -16.55
N LEU A 47 10.32 -13.75 -15.71
CA LEU A 47 11.43 -14.61 -16.08
C LEU A 47 11.28 -15.99 -15.45
N GLU A 48 11.75 -17.02 -16.15
CA GLU A 48 11.62 -18.42 -15.74
C GLU A 48 12.07 -18.71 -14.30
N SER A 49 13.24 -18.17 -13.96
CA SER A 49 13.88 -18.37 -12.65
C SER A 49 13.36 -17.45 -11.55
N SER A 50 12.40 -16.57 -11.87
CA SER A 50 11.81 -15.68 -10.89
C SER A 50 10.53 -16.33 -10.34
N LYS A 51 10.72 -17.30 -9.45
CA LYS A 51 9.61 -18.13 -8.98
C LYS A 51 9.86 -18.70 -7.59
N ILE A 52 8.77 -19.06 -6.91
CA ILE A 52 8.83 -19.76 -5.63
C ILE A 52 7.82 -20.91 -5.71
N GLU A 53 8.30 -22.11 -5.40
CA GLU A 53 7.44 -23.29 -5.34
C GLU A 53 7.35 -23.77 -3.90
N VAL A 54 6.12 -24.09 -3.48
CA VAL A 54 5.84 -24.66 -2.15
C VAL A 54 5.37 -26.08 -2.38
N ILE A 55 6.02 -27.06 -1.72
CA ILE A 55 5.62 -28.45 -1.77
C ILE A 55 4.76 -28.70 -0.53
N LEU A 56 3.47 -28.92 -0.74
CA LEU A 56 2.55 -29.11 0.36
C LEU A 56 2.66 -30.52 0.93
N LYS A 57 2.71 -30.60 2.26
CA LYS A 57 2.47 -31.85 2.96
C LYS A 57 1.19 -32.46 2.41
N ASN A 58 1.22 -33.76 2.19
CA ASN A 58 0.11 -34.42 1.55
C ASN A 58 -1.24 -34.26 2.29
N ALA A 59 -1.20 -34.23 3.62
CA ALA A 59 -2.45 -34.09 4.41
C ALA A 59 -3.19 -32.75 4.17
N ILE A 60 -2.52 -31.77 3.57
CA ILE A 60 -3.15 -30.48 3.31
C ILE A 60 -3.35 -30.17 1.83
N VAL A 61 -3.04 -31.15 0.97
CA VAL A 61 -3.34 -31.04 -0.46
C VAL A 61 -4.87 -31.08 -0.60
N TYR A 62 -5.42 -30.08 -1.29
CA TYR A 62 -6.86 -29.98 -1.45
C TYR A 62 -7.40 -30.99 -2.45
N ASN A 63 -8.27 -31.87 -1.97
CA ASN A 63 -8.87 -32.88 -2.80
C ASN A 63 -10.21 -33.23 -2.16
N SER A 64 -11.26 -32.46 -2.50
CA SER A 64 -12.51 -32.52 -1.73
C SER A 64 -13.74 -32.02 -2.47
N MET A 65 -14.90 -32.56 -2.08
CA MET A 65 -16.19 -32.13 -2.55
C MET A 65 -16.79 -31.14 -1.57
N TYR A 66 -16.22 -31.06 -0.37
CA TYR A 66 -16.92 -30.44 0.76
C TYR A 66 -16.13 -29.48 1.64
N GLU A 67 -14.80 -29.58 1.64
CA GLU A 67 -14.00 -28.79 2.59
C GLU A 67 -13.94 -27.31 2.23
N ASN A 68 -14.30 -26.45 3.17
CA ASN A 68 -14.15 -25.00 3.01
C ASN A 68 -12.69 -24.59 3.19
N PHE A 69 -12.26 -23.55 2.48
CA PHE A 69 -10.88 -23.10 2.59
C PHE A 69 -10.76 -21.65 2.12
N SER A 70 -9.71 -20.97 2.58
CA SER A 70 -9.48 -19.57 2.22
C SER A 70 -8.02 -19.34 1.94
N THR A 71 -7.73 -18.23 1.27
CA THR A 71 -6.36 -17.80 1.08
C THR A 71 -6.25 -16.30 1.32
N SER A 72 -5.10 -15.86 1.79
CA SER A 72 -4.84 -14.41 1.88
C SER A 72 -3.43 -14.09 1.48
N PHE A 73 -3.23 -12.85 1.01
CA PHE A 73 -1.88 -12.39 0.67
C PHE A 73 -1.93 -10.90 0.36
N TRP A 74 -0.76 -10.27 0.35
CA TRP A 74 -0.70 -8.89 -0.03
C TRP A 74 0.01 -8.79 -1.38
N ILE A 75 -0.39 -7.81 -2.20
CA ILE A 75 0.16 -7.71 -3.52
C ILE A 75 0.32 -6.26 -3.90
N ARG A 76 1.37 -5.95 -4.68
CA ARG A 76 1.55 -4.62 -5.27
C ARG A 76 1.81 -4.76 -6.77
N ILE A 77 0.84 -4.29 -7.56
CA ILE A 77 0.79 -4.53 -9.00
C ILE A 77 1.12 -3.23 -9.72
N PRO A 78 2.22 -3.21 -10.51
CA PRO A 78 2.57 -1.98 -11.24
C PRO A 78 1.49 -1.59 -12.24
N LYS A 79 1.36 -0.28 -12.52
CA LYS A 79 0.41 0.18 -13.49
C LYS A 79 0.62 -0.52 -14.83
N TYR A 80 -0.47 -0.87 -15.48
CA TYR A 80 -0.39 -1.39 -16.84
C TYR A 80 -0.11 -0.21 -17.78
N PHE A 81 0.92 -0.34 -18.62
CA PHE A 81 1.41 0.77 -19.45
C PHE A 81 1.09 0.66 -20.93
N ASN A 82 0.94 -0.57 -21.41
CA ASN A 82 0.94 -0.85 -22.85
C ASN A 82 -0.27 -1.69 -23.26
N SER A 83 -0.77 -1.49 -24.48
CA SER A 83 -1.88 -2.31 -24.96
C SER A 83 -1.57 -3.81 -25.06
N ILE A 84 -0.28 -4.17 -24.96
CA ILE A 84 0.11 -5.60 -24.89
C ILE A 84 -0.54 -6.27 -23.68
N SER A 85 -0.91 -5.48 -22.68
CA SER A 85 -1.52 -6.00 -21.43
C SER A 85 -3.04 -6.15 -21.49
N LEU A 86 -3.66 -5.58 -22.53
CA LEU A 86 -5.10 -5.75 -22.75
C LEU A 86 -5.38 -7.18 -23.14
N ASN A 87 -6.48 -7.73 -22.62
CA ASN A 87 -6.93 -9.08 -22.97
C ASN A 87 -5.83 -10.13 -22.81
N ASN A 88 -5.10 -10.08 -21.70
CA ASN A 88 -4.02 -11.03 -21.42
C ASN A 88 -4.03 -11.50 -19.97
N GLU A 89 -4.93 -12.43 -19.67
CA GLU A 89 -4.98 -13.01 -18.33
C GLU A 89 -3.73 -13.86 -18.12
N TYR A 90 -3.02 -13.64 -17.01
CA TYR A 90 -1.84 -14.46 -16.66
C TYR A 90 -1.89 -14.95 -15.21
N THR A 91 -1.53 -16.21 -15.00
CA THR A 91 -1.50 -16.84 -13.67
C THR A 91 -0.33 -16.28 -12.87
N ILE A 92 -0.54 -16.04 -11.57
CA ILE A 92 0.56 -15.66 -10.66
C ILE A 92 0.76 -16.64 -9.50
N ILE A 93 -0.32 -17.30 -9.10
CA ILE A 93 -0.29 -18.32 -8.04
C ILE A 93 -1.07 -19.55 -8.53
N ASN A 94 -0.36 -20.64 -8.76
CA ASN A 94 -0.90 -21.80 -9.45
C ASN A 94 -0.98 -23.05 -8.57
N CYS A 95 -2.19 -23.57 -8.42
CA CYS A 95 -2.40 -24.86 -7.74
C CYS A 95 -3.39 -25.69 -8.56
N MET A 96 -3.26 -25.58 -9.89
CA MET A 96 -4.03 -26.38 -10.84
C MET A 96 -3.23 -27.59 -11.28
N GLU A 97 -3.93 -28.72 -11.46
CA GLU A 97 -3.31 -29.92 -12.00
C GLU A 97 -4.36 -30.71 -12.78
N ASN A 98 -3.98 -31.16 -13.99
CA ASN A 98 -4.89 -31.88 -14.88
C ASN A 98 -6.24 -31.17 -15.05
N ASN A 99 -6.22 -29.84 -15.12
CA ASN A 99 -7.44 -29.03 -15.22
C ASN A 99 -8.40 -29.13 -14.02
N SER A 100 -7.83 -29.23 -12.82
CA SER A 100 -8.61 -29.11 -11.58
C SER A 100 -7.80 -28.43 -10.50
N GLY A 101 -8.47 -27.66 -9.65
CA GLY A 101 -7.84 -26.97 -8.54
C GLY A 101 -8.17 -25.50 -8.42
N TRP A 102 -7.19 -24.71 -7.98
CA TRP A 102 -7.40 -23.28 -7.84
C TRP A 102 -6.19 -22.51 -8.34
N LYS A 103 -6.43 -21.26 -8.72
CA LYS A 103 -5.35 -20.34 -9.08
C LYS A 103 -5.74 -18.89 -8.85
N VAL A 104 -4.72 -18.06 -8.64
CA VAL A 104 -4.87 -16.61 -8.71
C VAL A 104 -4.20 -16.15 -9.99
N SER A 105 -4.90 -15.31 -10.73
CA SER A 105 -4.36 -14.73 -11.96
C SER A 105 -4.69 -13.24 -12.01
N LEU A 106 -3.97 -12.51 -12.89
CA LEU A 106 -4.18 -11.09 -13.12
C LEU A 106 -4.52 -10.84 -14.60
N ASN A 107 -5.10 -9.68 -14.89
CA ASN A 107 -5.29 -9.20 -16.27
C ASN A 107 -5.30 -7.68 -16.11
N TYR A 108 -5.37 -6.96 -17.24
CA TYR A 108 -5.53 -5.52 -17.19
C TYR A 108 -6.60 -5.10 -16.20
N GLY A 109 -6.19 -4.44 -15.13
CA GLY A 109 -7.11 -3.92 -14.12
C GLY A 109 -7.90 -4.97 -13.36
N GLU A 110 -7.36 -6.19 -13.24
CA GLU A 110 -8.10 -7.32 -12.65
C GLU A 110 -7.28 -8.25 -11.75
N ILE A 111 -7.91 -8.71 -10.67
CA ILE A 111 -7.35 -9.81 -9.89
C ILE A 111 -8.44 -10.87 -9.93
N ILE A 112 -8.08 -12.10 -10.29
CA ILE A 112 -9.08 -13.13 -10.57
C ILE A 112 -8.80 -14.39 -9.74
N TRP A 113 -9.88 -14.97 -9.19
CA TRP A 113 -9.80 -16.28 -8.54
C TRP A 113 -10.58 -17.26 -9.40
N THR A 114 -9.98 -18.41 -9.66
CA THR A 114 -10.59 -19.46 -10.47
C THR A 114 -10.58 -20.81 -9.75
N LEU A 115 -11.76 -21.43 -9.62
CA LEU A 115 -11.88 -22.82 -9.15
C LEU A 115 -12.34 -23.70 -10.28
N GLN A 116 -11.82 -24.94 -10.34
CA GLN A 116 -12.20 -25.88 -11.37
C GLN A 116 -12.25 -27.29 -10.81
N ASP A 117 -13.39 -27.95 -11.00
CA ASP A 117 -13.57 -29.34 -10.54
C ASP A 117 -13.04 -30.35 -11.56
N THR A 118 -13.15 -31.63 -11.25
CA THR A 118 -12.54 -32.67 -12.06
C THR A 118 -13.38 -32.99 -13.29
N GLN A 119 -14.57 -32.41 -13.38
CA GLN A 119 -15.42 -32.48 -14.57
C GLN A 119 -15.35 -31.19 -15.40
N GLU A 120 -14.38 -30.34 -15.06
CA GLU A 120 -14.08 -29.10 -15.82
C GLU A 120 -15.12 -27.98 -15.69
N ILE A 121 -16.00 -28.09 -14.70
CA ILE A 121 -16.86 -26.94 -14.34
C ILE A 121 -16.00 -25.89 -13.63
N LYS A 122 -16.16 -24.63 -14.06
CA LYS A 122 -15.38 -23.48 -13.59
C LYS A 122 -16.23 -22.44 -12.87
N GLN A 123 -15.63 -21.77 -11.91
CA GLN A 123 -16.18 -20.52 -11.40
C GLN A 123 -15.07 -19.53 -11.11
N ARG A 124 -15.31 -18.26 -11.44
CA ARG A 124 -14.35 -17.19 -11.25
C ARG A 124 -14.98 -16.13 -10.35
N VAL A 125 -14.19 -15.53 -9.46
CA VAL A 125 -14.59 -14.26 -8.82
C VAL A 125 -13.50 -13.21 -9.12
N VAL A 126 -13.93 -11.97 -9.37
CA VAL A 126 -13.08 -10.94 -9.96
C VAL A 126 -13.16 -9.62 -9.19
N PHE A 127 -12.00 -9.01 -8.97
CA PHE A 127 -11.90 -7.63 -8.53
C PHE A 127 -11.41 -6.85 -9.75
N LYS A 128 -12.14 -5.80 -10.09
CA LYS A 128 -11.82 -4.96 -11.24
C LYS A 128 -11.53 -3.54 -10.74
N TYR A 129 -10.39 -2.98 -11.14
CA TYR A 129 -10.05 -1.61 -10.82
C TYR A 129 -9.76 -0.83 -12.10
N SER A 130 -10.23 0.41 -12.12
CA SER A 130 -10.00 1.28 -13.27
C SER A 130 -8.62 1.93 -13.25
N GLN A 131 -8.09 2.19 -14.45
CA GLN A 131 -6.87 2.98 -14.61
C GLN A 131 -7.16 4.37 -15.21
N MET A 132 -8.46 4.70 -15.34
CA MET A 132 -8.89 6.03 -15.79
C MET A 132 -9.54 6.71 -14.61
N ILE A 133 -8.71 7.33 -13.77
CA ILE A 133 -9.13 7.76 -12.45
C ILE A 133 -8.04 8.70 -11.95
N ASN A 134 -8.43 9.83 -11.37
CA ASN A 134 -7.46 10.83 -10.90
C ASN A 134 -6.41 10.24 -9.92
N ILE A 135 -6.90 9.64 -8.82
CA ILE A 135 -6.03 9.02 -7.82
C ILE A 135 -6.61 7.63 -7.53
N SER A 136 -5.81 6.58 -7.73
CA SER A 136 -6.31 5.22 -7.49
C SER A 136 -5.90 4.67 -6.12
N ASP A 137 -6.85 4.02 -5.43
CA ASP A 137 -6.53 3.30 -4.17
C ASP A 137 -5.68 2.07 -4.40
N TYR A 138 -5.66 1.61 -5.65
CA TYR A 138 -5.17 0.28 -5.97
C TYR A 138 -3.93 0.20 -6.89
N ILE A 139 -3.83 1.08 -7.89
CA ILE A 139 -2.77 0.94 -8.87
C ILE A 139 -1.42 1.10 -8.18
N ASN A 140 -0.56 0.09 -8.28
CA ASN A 140 0.81 0.15 -7.72
C ASN A 140 0.92 0.39 -6.20
N ARG A 141 -0.18 0.14 -5.48
N ARG A 141 -0.19 0.16 -5.48
CA ARG A 141 -0.20 0.25 -4.03
CA ARG A 141 -0.21 0.29 -4.02
C ARG A 141 -0.46 -1.11 -3.42
C ARG A 141 -0.50 -1.07 -3.40
N TRP A 142 0.10 -1.35 -2.24
CA TRP A 142 -0.09 -2.62 -1.56
C TRP A 142 -1.56 -2.81 -1.27
N ILE A 143 -2.09 -3.97 -1.63
CA ILE A 143 -3.48 -4.29 -1.34
C ILE A 143 -3.55 -5.62 -0.66
N PHE A 144 -4.48 -5.72 0.29
CA PHE A 144 -4.69 -6.98 1.01
C PHE A 144 -5.82 -7.79 0.40
N VAL A 145 -5.47 -8.94 -0.17
CA VAL A 145 -6.43 -9.80 -0.85
C VAL A 145 -6.84 -10.94 0.09
N THR A 146 -8.14 -11.24 0.15
CA THR A 146 -8.60 -12.43 0.88
C THR A 146 -9.67 -13.09 0.07
N ILE A 147 -9.53 -14.40 -0.13
CA ILE A 147 -10.51 -15.18 -0.88
C ILE A 147 -11.04 -16.32 -0.01
N THR A 148 -12.35 -16.44 0.10
CA THR A 148 -12.93 -17.50 0.92
C THR A 148 -13.84 -18.38 0.08
N ASN A 149 -14.01 -19.63 0.48
CA ASN A 149 -14.79 -20.57 -0.31
C ASN A 149 -15.62 -21.43 0.61
N ASN A 150 -16.94 -21.36 0.45
CA ASN A 150 -17.90 -22.23 1.18
C ASN A 150 -18.52 -23.17 0.15
N ARG A 151 -18.27 -24.47 0.30
CA ARG A 151 -18.68 -25.45 -0.74
C ARG A 151 -20.22 -25.59 -0.90
N LEU A 152 -20.97 -25.12 0.09
CA LEU A 152 -22.42 -25.15 0.04
C LEU A 152 -23.05 -23.93 -0.64
N ASN A 153 -22.28 -22.85 -0.76
CA ASN A 153 -22.80 -21.65 -1.38
C ASN A 153 -21.76 -20.88 -2.20
N ASN A 154 -21.08 -19.92 -1.58
CA ASN A 154 -20.31 -18.91 -2.34
C ASN A 154 -18.80 -18.92 -2.19
N SER A 155 -18.13 -18.44 -3.24
N SER A 155 -18.13 -18.48 -3.25
CA SER A 155 -16.73 -18.03 -3.19
CA SER A 155 -16.75 -18.02 -3.16
C SER A 155 -16.71 -16.51 -3.21
C SER A 155 -16.84 -16.51 -3.07
N LYS A 156 -15.92 -15.91 -2.32
CA LYS A 156 -15.91 -14.45 -2.11
C LYS A 156 -14.51 -13.89 -2.25
N ILE A 157 -14.38 -12.70 -2.86
CA ILE A 157 -13.11 -11.98 -2.85
C ILE A 157 -13.26 -10.66 -2.08
N TYR A 158 -12.33 -10.45 -1.16
CA TYR A 158 -12.25 -9.24 -0.37
C TYR A 158 -10.98 -8.48 -0.78
N ILE A 159 -11.05 -7.15 -0.73
CA ILE A 159 -9.90 -6.28 -0.96
C ILE A 159 -9.83 -5.31 0.22
N ASN A 160 -8.68 -5.27 0.90
CA ASN A 160 -8.52 -4.41 2.07
C ASN A 160 -9.66 -4.62 3.07
N GLY A 161 -10.04 -5.89 3.26
CA GLY A 161 -11.06 -6.26 4.24
C GLY A 161 -12.51 -6.00 3.86
N ARG A 162 -12.73 -5.53 2.63
CA ARG A 162 -14.05 -5.17 2.13
C ARG A 162 -14.49 -6.15 1.06
N LEU A 163 -15.71 -6.67 1.17
CA LEU A 163 -16.23 -7.61 0.16
C LEU A 163 -16.40 -6.94 -1.22
N ILE A 164 -15.84 -7.56 -2.25
CA ILE A 164 -15.92 -7.01 -3.62
C ILE A 164 -16.89 -7.79 -4.51
N ASP A 165 -16.73 -9.10 -4.54
CA ASP A 165 -17.52 -9.93 -5.42
C ASP A 165 -17.75 -11.29 -4.78
N GLN A 166 -18.93 -11.85 -4.99
CA GLN A 166 -19.23 -13.21 -4.53
C GLN A 166 -20.00 -13.94 -5.60
N LYS A 167 -19.67 -15.21 -5.80
CA LYS A 167 -20.30 -16.03 -6.83
C LYS A 167 -20.56 -17.43 -6.29
N PRO A 168 -21.65 -18.07 -6.74
CA PRO A 168 -21.94 -19.42 -6.23
C PRO A 168 -21.04 -20.48 -6.82
N ILE A 169 -20.70 -21.48 -6.01
CA ILE A 169 -19.80 -22.57 -6.41
C ILE A 169 -20.34 -23.93 -5.99
N SER A 170 -21.58 -23.97 -5.53
CA SER A 170 -22.14 -25.22 -5.01
C SER A 170 -22.37 -26.27 -6.08
N ASN A 171 -22.38 -25.85 -7.34
CA ASN A 171 -22.47 -26.80 -8.44
C ASN A 171 -21.16 -27.56 -8.75
N LEU A 172 -20.03 -27.10 -8.23
CA LEU A 172 -18.75 -27.78 -8.47
C LEU A 172 -18.66 -29.08 -7.67
N GLY A 173 -18.07 -30.10 -8.28
CA GLY A 173 -17.95 -31.43 -7.64
C GLY A 173 -16.65 -31.57 -6.87
N ASN A 174 -16.00 -32.72 -7.00
CA ASN A 174 -14.66 -32.89 -6.47
C ASN A 174 -13.66 -31.93 -7.13
N ILE A 175 -12.89 -31.25 -6.30
CA ILE A 175 -11.82 -30.36 -6.77
C ILE A 175 -10.52 -30.97 -6.27
N HIS A 176 -9.66 -31.35 -7.20
CA HIS A 176 -8.39 -32.00 -6.91
C HIS A 176 -7.26 -31.04 -7.28
N ALA A 177 -6.83 -30.24 -6.31
CA ALA A 177 -5.78 -29.25 -6.52
C ALA A 177 -4.39 -29.89 -6.57
N SER A 178 -3.40 -29.12 -6.99
CA SER A 178 -2.02 -29.60 -7.17
C SER A 178 -1.27 -29.88 -5.86
N ASN A 179 -0.27 -30.76 -5.92
N ASN A 179 -0.28 -30.76 -5.96
CA ASN A 179 0.59 -31.02 -4.77
CA ASN A 179 0.65 -31.07 -4.86
C ASN A 179 1.51 -29.85 -4.43
C ASN A 179 1.52 -29.88 -4.46
N ASN A 180 1.69 -28.94 -5.39
CA ASN A 180 2.55 -27.77 -5.18
C ASN A 180 1.81 -26.46 -5.46
N ILE A 181 2.34 -25.38 -4.91
CA ILE A 181 1.85 -24.04 -5.26
C ILE A 181 2.99 -23.33 -5.96
N MET A 182 2.72 -22.80 -7.15
CA MET A 182 3.76 -22.16 -7.93
C MET A 182 3.48 -20.66 -8.02
N PHE A 183 4.35 -19.87 -7.39
CA PHE A 183 4.28 -18.41 -7.47
C PHE A 183 5.18 -17.99 -8.64
N LYS A 184 4.56 -17.51 -9.71
CA LYS A 184 5.28 -17.30 -10.97
C LYS A 184 4.35 -16.68 -11.99
N LEU A 185 4.85 -15.67 -12.71
CA LEU A 185 4.10 -15.13 -13.84
C LEU A 185 4.12 -16.14 -15.00
N ASP A 186 2.95 -16.72 -15.25
CA ASP A 186 2.78 -17.77 -16.23
C ASP A 186 1.86 -17.25 -17.33
N GLY A 187 2.40 -17.05 -18.52
CA GLY A 187 1.57 -16.63 -19.66
C GLY A 187 1.43 -15.13 -19.88
N CYS A 188 2.28 -14.35 -19.23
CA CYS A 188 2.27 -12.89 -19.37
C CYS A 188 3.11 -12.45 -20.58
N ARG A 189 2.46 -11.75 -21.51
CA ARG A 189 3.13 -11.31 -22.75
C ARG A 189 4.02 -10.08 -22.57
N ASP A 190 3.71 -9.26 -21.56
CA ASP A 190 4.50 -8.06 -21.22
C ASP A 190 5.82 -8.47 -20.54
N THR A 191 6.93 -8.34 -21.27
CA THR A 191 8.24 -8.78 -20.77
C THR A 191 8.76 -7.96 -19.58
N HIS A 192 8.18 -6.78 -19.38
CA HIS A 192 8.62 -5.92 -18.29
C HIS A 192 7.78 -6.04 -17.01
N ARG A 193 6.72 -6.83 -17.07
CA ARG A 193 5.82 -7.05 -15.94
C ARG A 193 6.49 -7.72 -14.72
N TYR A 194 6.13 -7.24 -13.53
CA TYR A 194 6.49 -7.89 -12.27
C TYR A 194 5.35 -7.73 -11.28
N ILE A 195 5.46 -8.42 -10.14
CA ILE A 195 4.57 -8.19 -9.00
C ILE A 195 5.43 -8.15 -7.76
N TRP A 196 4.96 -7.44 -6.74
CA TRP A 196 5.45 -7.60 -5.37
C TRP A 196 4.39 -8.39 -4.63
N ILE A 197 4.82 -9.28 -3.74
CA ILE A 197 3.87 -10.08 -2.94
C ILE A 197 4.46 -10.32 -1.55
N LYS A 198 3.59 -10.52 -0.55
CA LYS A 198 4.04 -10.91 0.79
C LYS A 198 2.94 -11.61 1.59
N TYR A 199 3.37 -12.41 2.58
CA TYR A 199 2.45 -12.96 3.59
C TYR A 199 1.37 -13.94 3.08
N PHE A 200 1.71 -14.77 2.10
CA PHE A 200 0.74 -15.75 1.60
C PHE A 200 0.33 -16.76 2.68
N ASN A 201 -0.98 -16.91 2.89
CA ASN A 201 -1.53 -17.91 3.83
C ASN A 201 -2.60 -18.75 3.16
N LEU A 202 -2.72 -20.02 3.57
CA LEU A 202 -3.89 -20.84 3.26
C LEU A 202 -4.56 -21.19 4.58
N PHE A 203 -5.89 -21.29 4.58
CA PHE A 203 -6.66 -21.56 5.80
C PHE A 203 -7.60 -22.73 5.55
N ASP A 204 -7.84 -23.58 6.55
CA ASP A 204 -8.77 -24.69 6.33
C ASP A 204 -10.22 -24.42 6.79
N LYS A 205 -10.68 -23.20 6.54
CA LYS A 205 -12.09 -22.84 6.73
C LYS A 205 -12.44 -21.66 5.84
N GLU A 206 -13.74 -21.37 5.74
CA GLU A 206 -14.18 -20.11 5.20
C GLU A 206 -14.02 -19.04 6.28
N LEU A 207 -13.09 -18.11 6.08
CA LEU A 207 -12.91 -17.04 7.07
C LEU A 207 -14.14 -16.14 7.06
N ASN A 208 -14.55 -15.68 8.24
CA ASN A 208 -15.67 -14.76 8.34
C ASN A 208 -15.21 -13.30 8.33
N GLU A 209 -16.17 -12.38 8.27
CA GLU A 209 -15.90 -10.97 8.07
C GLU A 209 -14.95 -10.39 9.12
N LYS A 210 -15.20 -10.74 10.39
CA LYS A 210 -14.34 -10.27 11.48
C LYS A 210 -12.92 -10.82 11.42
N GLU A 211 -12.80 -12.13 11.21
CA GLU A 211 -11.50 -12.79 11.05
C GLU A 211 -10.65 -12.09 9.99
N ILE A 212 -11.30 -11.71 8.89
CA ILE A 212 -10.64 -11.02 7.78
C ILE A 212 -10.19 -9.61 8.17
N LYS A 213 -11.05 -8.88 8.88
CA LYS A 213 -10.67 -7.56 9.40
C LYS A 213 -9.49 -7.65 10.37
N ASP A 214 -9.50 -8.63 11.26
CA ASP A 214 -8.42 -8.80 12.22
C ASP A 214 -7.10 -9.11 11.52
N LEU A 215 -7.18 -9.97 10.51
CA LEU A 215 -6.02 -10.39 9.74
C LEU A 215 -5.40 -9.17 9.03
N TYR A 216 -6.26 -8.35 8.43
CA TYR A 216 -5.89 -7.09 7.79
C TYR A 216 -5.17 -6.16 8.76
N ASP A 217 -5.80 -5.84 9.90
CA ASP A 217 -5.17 -5.01 10.95
C ASP A 217 -3.80 -5.51 11.41
N ASN A 218 -3.76 -6.80 11.73
CA ASN A 218 -2.56 -7.41 12.30
C ASN A 218 -1.41 -7.43 11.30
N GLN A 219 -1.71 -7.77 10.05
CA GLN A 219 -0.67 -7.92 9.04
C GLN A 219 -0.16 -6.59 8.47
N SER A 220 -0.78 -5.50 8.88
CA SER A 220 -0.46 -4.20 8.30
C SER A 220 0.69 -3.43 8.98
N ASN A 221 1.23 -3.98 10.08
CA ASN A 221 2.34 -3.35 10.84
C ASN A 221 2.00 -1.90 11.23
N SER A 222 0.93 -1.73 12.00
CA SER A 222 0.42 -0.40 12.35
C SER A 222 1.40 0.51 13.12
N GLY A 223 2.44 -0.10 13.71
CA GLY A 223 3.47 0.64 14.45
C GLY A 223 4.45 1.41 13.54
N ILE A 224 4.37 1.15 12.25
CA ILE A 224 5.26 1.80 11.28
C ILE A 224 4.42 2.60 10.27
N LEU A 225 4.80 3.85 10.02
N LEU A 225 4.78 3.86 10.03
CA LEU A 225 4.13 4.68 9.03
CA LEU A 225 4.12 4.68 9.02
C LEU A 225 4.45 4.21 7.62
C LEU A 225 4.45 4.19 7.62
N LYS A 226 3.54 4.45 6.69
CA LYS A 226 3.71 4.01 5.30
C LYS A 226 3.74 5.20 4.36
N ASP A 227 4.49 5.03 3.26
CA ASP A 227 4.40 5.98 2.13
C ASP A 227 3.15 5.66 1.28
N PHE A 228 2.97 6.41 0.19
CA PHE A 228 1.75 6.33 -0.63
C PHE A 228 1.58 4.94 -1.21
N TRP A 229 2.70 4.29 -1.54
CA TRP A 229 2.65 2.96 -2.14
C TRP A 229 2.38 1.85 -1.11
N GLY A 230 2.49 2.18 0.17
CA GLY A 230 2.25 1.19 1.26
C GLY A 230 3.55 0.59 1.79
N ASP A 231 4.70 1.04 1.27
CA ASP A 231 6.00 0.65 1.81
C ASP A 231 6.29 1.43 3.08
N TYR A 232 7.24 0.97 3.89
CA TYR A 232 7.67 1.69 5.08
C TYR A 232 8.08 3.12 4.76
N LEU A 233 7.52 4.09 5.50
CA LEU A 233 7.98 5.49 5.43
C LEU A 233 9.39 5.58 6.01
N GLN A 234 10.25 6.38 5.37
CA GLN A 234 11.67 6.47 5.78
C GLN A 234 12.13 7.89 6.00
N TYR A 235 13.11 8.02 6.90
CA TYR A 235 13.89 9.24 7.09
C TYR A 235 14.85 9.47 5.91
N ASP A 236 15.19 10.73 5.66
CA ASP A 236 16.23 11.08 4.69
C ASP A 236 15.90 10.63 3.26
N LYS A 237 14.61 10.61 2.94
CA LYS A 237 14.14 10.14 1.64
C LYS A 237 13.18 11.17 1.03
N PRO A 238 13.52 11.74 -0.12
CA PRO A 238 12.62 12.76 -0.70
C PRO A 238 11.27 12.24 -1.14
N TYR A 239 10.21 12.96 -0.77
CA TYR A 239 8.83 12.61 -1.09
C TYR A 239 8.05 13.78 -1.68
N TYR A 240 7.25 13.49 -2.71
CA TYR A 240 6.23 14.44 -3.15
C TYR A 240 5.01 14.31 -2.24
N MET A 241 4.31 15.43 -2.02
CA MET A 241 3.20 15.50 -1.06
C MET A 241 1.80 15.44 -1.69
N LEU A 242 0.93 14.65 -1.08
CA LEU A 242 -0.48 14.58 -1.47
C LEU A 242 -1.33 14.97 -0.29
N ASN A 243 -2.19 15.97 -0.47
CA ASN A 243 -3.17 16.31 0.54
C ASN A 243 -4.50 15.67 0.15
N LEU A 244 -5.09 14.92 1.08
CA LEU A 244 -6.27 14.14 0.73
C LEU A 244 -7.58 14.93 0.60
N TYR A 245 -7.66 16.11 1.21
CA TYR A 245 -8.83 16.95 1.00
C TYR A 245 -8.82 17.54 -0.39
N ASP A 246 -7.65 18.01 -0.83
CA ASP A 246 -7.48 18.58 -2.17
C ASP A 246 -6.48 17.76 -3.00
N PRO A 247 -6.90 16.59 -3.50
CA PRO A 247 -5.97 15.71 -4.21
C PRO A 247 -5.50 16.25 -5.57
N ASN A 248 -6.19 17.25 -6.11
CA ASN A 248 -5.81 17.83 -7.40
C ASN A 248 -4.93 19.08 -7.25
N LYS A 249 -4.38 19.27 -6.05
CA LYS A 249 -3.45 20.37 -5.80
C LYS A 249 -2.09 19.82 -5.34
N TYR A 250 -1.04 20.61 -5.54
CA TYR A 250 0.30 20.22 -5.06
C TYR A 250 0.96 21.35 -4.25
N VAL A 251 1.99 21.00 -3.51
CA VAL A 251 2.66 21.92 -2.59
C VAL A 251 3.76 22.71 -3.30
N ASP A 252 3.79 24.01 -3.07
CA ASP A 252 4.78 24.90 -3.68
C ASP A 252 5.22 25.97 -2.64
N VAL A 253 6.25 26.77 -2.96
CA VAL A 253 6.69 27.79 -2.00
C VAL A 253 6.66 29.28 -2.48
N ASN A 254 7.33 29.57 -3.59
CA ASN A 254 7.63 30.97 -4.07
C ASN A 254 8.85 31.62 -3.40
N ASN A 255 8.75 31.95 -2.09
CA ASN A 255 9.87 32.56 -1.35
C ASN A 255 10.19 31.84 -0.06
N VAL A 256 11.48 31.54 0.15
CA VAL A 256 11.96 30.99 1.42
C VAL A 256 12.12 32.12 2.44
N GLY A 257 12.29 31.77 3.69
CA GLY A 257 12.37 32.78 4.75
C GLY A 257 11.03 33.04 5.40
N ILE A 258 11.03 33.88 6.43
CA ILE A 258 9.86 34.02 7.34
C ILE A 258 8.70 34.79 6.69
N ARG A 259 9.03 35.59 5.69
CA ARG A 259 8.00 36.31 4.94
C ARG A 259 7.39 35.48 3.82
N GLY A 260 8.02 34.34 3.52
CA GLY A 260 7.46 33.39 2.55
C GLY A 260 6.49 32.43 3.20
N TYR A 261 5.88 31.55 2.39
CA TYR A 261 4.91 30.57 2.89
C TYR A 261 4.79 29.39 1.96
N MET A 262 4.48 28.23 2.53
CA MET A 262 4.13 27.09 1.75
C MET A 262 2.65 27.21 1.39
N TYR A 263 2.26 26.66 0.25
CA TYR A 263 0.85 26.67 -0.17
C TYR A 263 0.49 25.51 -1.12
N LEU A 264 -0.82 25.37 -1.39
CA LEU A 264 -1.36 24.37 -2.30
C LEU A 264 -1.91 25.04 -3.54
N LYS A 265 -1.57 24.51 -4.71
CA LYS A 265 -2.05 25.06 -5.99
C LYS A 265 -2.44 23.95 -6.96
N GLY A 266 -3.33 24.24 -7.90
CA GLY A 266 -3.82 23.21 -8.83
C GLY A 266 -4.28 23.78 -10.16
N PRO A 267 -4.58 22.91 -11.13
CA PRO A 267 -4.58 21.46 -10.98
C PRO A 267 -3.18 20.84 -11.16
N ARG A 268 -3.07 19.53 -10.88
CA ARG A 268 -1.82 18.77 -11.02
C ARG A 268 -1.41 18.50 -12.47
N GLY A 269 -2.37 18.41 -13.36
CA GLY A 269 -2.06 17.90 -14.71
C GLY A 269 -2.14 16.38 -14.72
N SER A 270 -2.04 15.79 -15.90
CA SER A 270 -2.35 14.38 -16.11
C SER A 270 -1.20 13.59 -16.72
N VAL A 271 -1.14 12.30 -16.40
CA VAL A 271 -0.33 11.38 -17.17
C VAL A 271 -1.28 10.44 -17.93
N MET A 272 -0.90 10.05 -19.14
CA MET A 272 -1.80 9.31 -20.01
C MET A 272 -1.09 8.35 -20.96
N THR A 273 -1.72 7.20 -21.21
CA THR A 273 -1.48 6.43 -22.44
C THR A 273 -2.87 6.10 -22.97
N THR A 274 -3.20 6.56 -24.17
CA THR A 274 -4.59 6.42 -24.65
C THR A 274 -5.10 4.97 -24.58
N ASN A 275 -6.33 4.82 -24.11
CA ASN A 275 -6.95 3.51 -23.87
C ASN A 275 -6.33 2.69 -22.72
N ILE A 276 -5.20 3.15 -22.17
CA ILE A 276 -4.52 2.36 -21.09
C ILE A 276 -4.58 2.95 -19.66
N TYR A 277 -4.22 4.23 -19.53
CA TYR A 277 -4.38 4.95 -18.27
C TYR A 277 -4.56 6.47 -18.47
N LEU A 278 -5.19 7.10 -17.48
CA LEU A 278 -5.33 8.57 -17.39
C LEU A 278 -5.45 8.89 -15.91
N ASN A 279 -4.39 9.46 -15.34
CA ASN A 279 -4.32 9.70 -13.91
C ASN A 279 -3.76 11.09 -13.64
N SER A 280 -3.92 11.55 -12.41
CA SER A 280 -3.25 12.77 -11.99
C SER A 280 -1.74 12.54 -11.91
N SER A 281 -0.98 13.56 -12.34
CA SER A 281 0.46 13.63 -12.12
C SER A 281 0.78 13.63 -10.61
N LEU A 282 1.68 12.75 -10.18
CA LEU A 282 2.06 12.62 -8.77
C LEU A 282 3.37 13.33 -8.42
N TYR A 283 4.20 13.58 -9.43
CA TYR A 283 5.53 14.11 -9.15
C TYR A 283 5.56 15.62 -9.32
N ARG A 284 4.81 16.34 -8.49
CA ARG A 284 4.70 17.79 -8.59
C ARG A 284 5.04 18.45 -7.29
N GLY A 285 5.62 19.64 -7.37
CA GLY A 285 5.79 20.50 -6.21
C GLY A 285 7.08 20.25 -5.45
N THR A 286 7.24 20.94 -4.33
CA THR A 286 8.47 20.86 -3.55
C THR A 286 8.48 19.57 -2.75
N LYS A 287 9.59 18.86 -2.79
CA LYS A 287 9.68 17.58 -2.07
C LYS A 287 9.96 17.84 -0.60
N PHE A 288 9.46 16.95 0.26
CA PHE A 288 9.70 17.00 1.70
C PHE A 288 10.63 15.84 2.07
N ILE A 289 11.48 16.10 3.05
CA ILE A 289 12.35 15.08 3.64
C ILE A 289 12.12 15.02 5.15
N ILE A 290 11.85 13.82 5.66
CA ILE A 290 11.66 13.63 7.10
C ILE A 290 13.04 13.45 7.76
N LYS A 291 13.29 14.22 8.82
CA LYS A 291 14.60 14.21 9.51
C LYS A 291 14.52 13.72 10.98
N LYS A 292 15.49 12.92 11.39
CA LYS A 292 15.56 12.42 12.78
C LYS A 292 15.68 13.55 13.78
N TYR A 293 14.84 13.51 14.82
CA TYR A 293 14.99 14.40 15.96
C TYR A 293 15.14 13.63 17.27
N ALA A 294 14.08 12.94 17.68
CA ALA A 294 14.03 12.30 19.01
C ALA A 294 14.26 10.79 19.01
N SER A 295 14.13 10.16 17.84
CA SER A 295 14.12 8.68 17.76
C SER A 295 15.46 8.05 18.19
N GLY A 296 15.38 7.06 19.09
CA GLY A 296 16.57 6.35 19.55
C GLY A 296 16.95 5.17 18.67
N ASN A 297 16.06 4.82 17.74
CA ASN A 297 16.26 3.72 16.79
C ASN A 297 17.25 4.10 15.67
N LYS A 298 18.23 3.23 15.42
CA LYS A 298 19.30 3.50 14.45
C LYS A 298 18.89 3.43 12.98
N ASP A 299 17.88 2.63 12.67
CA ASP A 299 17.46 2.46 11.27
C ASP A 299 16.79 3.72 10.67
N ASN A 300 16.35 3.65 9.43
CA ASN A 300 15.73 4.80 8.79
C ASN A 300 14.21 4.72 8.70
N ILE A 301 13.60 3.84 9.50
CA ILE A 301 12.14 3.63 9.46
C ILE A 301 11.44 4.64 10.36
N VAL A 302 10.43 5.33 9.82
CA VAL A 302 9.64 6.27 10.61
C VAL A 302 8.53 5.52 11.35
N ARG A 303 8.54 5.63 12.67
CA ARG A 303 7.59 4.90 13.48
C ARG A 303 6.48 5.79 14.00
N ASN A 304 5.32 5.18 14.26
CA ASN A 304 4.18 5.88 14.86
C ASN A 304 4.62 6.65 16.11
N ASN A 305 4.26 7.94 16.19
CA ASN A 305 4.64 8.81 17.33
C ASN A 305 6.08 9.36 17.33
N ASP A 306 6.87 9.01 16.32
CA ASP A 306 8.21 9.58 16.17
C ASP A 306 8.11 11.10 16.09
N ARG A 307 8.93 11.80 16.86
CA ARG A 307 9.03 13.26 16.77
C ARG A 307 10.21 13.58 15.85
N VAL A 308 9.92 14.36 14.80
CA VAL A 308 10.83 14.57 13.66
C VAL A 308 10.95 16.06 13.34
N TYR A 309 11.86 16.39 12.44
CA TYR A 309 11.82 17.65 11.68
C TYR A 309 11.39 17.36 10.25
N ILE A 310 10.78 18.35 9.60
CA ILE A 310 10.44 18.23 8.18
C ILE A 310 11.27 19.27 7.41
N ASN A 311 12.03 18.79 6.42
CA ASN A 311 12.78 19.65 5.50
C ASN A 311 12.04 19.73 4.17
N VAL A 312 12.16 20.90 3.55
CA VAL A 312 11.58 21.18 2.23
C VAL A 312 12.78 21.39 1.31
N VAL A 313 12.75 20.73 0.16
CA VAL A 313 13.84 20.90 -0.81
C VAL A 313 13.47 21.97 -1.83
N VAL A 314 14.29 23.02 -1.92
CA VAL A 314 14.08 24.13 -2.87
C VAL A 314 15.38 24.40 -3.61
N LYS A 315 15.35 24.19 -4.94
CA LYS A 315 16.53 24.35 -5.78
C LYS A 315 17.69 23.49 -5.25
N ASN A 316 17.37 22.27 -4.87
CA ASN A 316 18.33 21.26 -4.43
C ASN A 316 19.04 21.59 -3.10
N LYS A 317 18.42 22.44 -2.30
CA LYS A 317 18.93 22.75 -0.96
C LYS A 317 17.81 22.58 0.04
N GLU A 318 18.15 22.12 1.24
CA GLU A 318 17.16 21.84 2.28
C GLU A 318 16.89 23.04 3.17
N TYR A 319 15.60 23.28 3.42
CA TYR A 319 15.13 24.31 4.34
C TYR A 319 14.24 23.65 5.39
N ARG A 320 14.00 24.32 6.51
CA ARG A 320 13.22 23.73 7.61
C ARG A 320 11.80 24.27 7.64
N LEU A 321 10.82 23.37 7.66
CA LEU A 321 9.41 23.75 7.81
C LEU A 321 9.20 24.21 9.25
N ALA A 322 8.78 25.46 9.41
CA ALA A 322 8.61 26.02 10.75
C ALA A 322 7.58 27.15 10.73
N THR A 323 7.16 27.59 11.91
CA THR A 323 6.24 28.72 12.05
C THR A 323 6.50 29.49 13.34
N ASN A 324 6.17 30.78 13.33
CA ASN A 324 6.04 31.54 14.57
C ASN A 324 4.62 31.43 15.16
N ALA A 325 4.48 30.64 16.22
CA ALA A 325 3.17 30.39 16.86
C ALA A 325 2.52 31.62 17.48
N SER A 326 3.31 32.65 17.75
CA SER A 326 2.80 33.93 18.26
C SER A 326 1.80 34.65 17.37
N GLN A 327 1.87 34.41 16.05
CA GLN A 327 0.98 35.06 15.09
C GLN A 327 -0.50 34.94 15.46
N ALA A 328 -1.23 36.02 15.24
CA ALA A 328 -2.65 36.13 15.60
C ALA A 328 -3.49 35.09 14.88
N GLY A 329 -4.47 34.53 15.58
CA GLY A 329 -5.37 33.53 15.00
C GLY A 329 -4.89 32.12 15.23
N VAL A 330 -5.82 31.16 15.16
CA VAL A 330 -5.51 29.75 15.45
C VAL A 330 -4.64 29.07 14.36
N GLU A 331 -4.73 29.55 13.12
CA GLU A 331 -3.96 29.00 12.00
C GLU A 331 -2.57 29.61 11.94
N LYS A 332 -1.55 28.79 12.11
CA LYS A 332 -0.16 29.25 12.08
C LYS A 332 0.49 28.90 10.73
N ILE A 333 0.71 29.92 9.90
CA ILE A 333 1.25 29.72 8.56
C ILE A 333 2.65 29.14 8.61
N LEU A 334 2.89 28.11 7.80
CA LEU A 334 4.20 27.48 7.71
C LEU A 334 5.10 28.15 6.65
N SER A 335 6.37 28.35 7.01
CA SER A 335 7.41 28.91 6.11
C SER A 335 8.54 27.91 5.92
N ALA A 336 9.37 28.13 4.90
CA ALA A 336 10.59 27.33 4.66
C ALA A 336 11.83 28.14 5.03
N LEU A 337 12.44 27.76 6.15
CA LEU A 337 13.50 28.55 6.77
C LEU A 337 14.90 27.99 6.61
N GLU A 338 15.90 28.87 6.55
CA GLU A 338 17.28 28.43 6.56
C GLU A 338 17.49 27.69 7.89
N ILE A 339 18.03 26.48 7.79
CA ILE A 339 18.19 25.58 8.95
C ILE A 339 18.97 26.24 10.10
N PRO A 340 20.05 27.01 9.80
CA PRO A 340 20.74 27.71 10.89
C PRO A 340 19.92 28.82 11.56
N ASP A 341 18.91 29.34 10.88
CA ASP A 341 18.19 30.54 11.35
C ASP A 341 16.86 30.26 12.04
N VAL A 342 16.53 28.98 12.26
CA VAL A 342 15.21 28.61 12.82
C VAL A 342 14.99 29.14 14.25
N GLY A 343 16.07 29.22 15.02
CA GLY A 343 16.00 29.77 16.38
C GLY A 343 15.01 29.05 17.27
N ASN A 344 14.14 29.82 17.91
CA ASN A 344 13.17 29.26 18.86
C ASN A 344 11.82 28.94 18.23
N LEU A 345 11.74 29.07 16.91
CA LEU A 345 10.48 28.85 16.19
C LEU A 345 10.02 27.39 16.28
N SER A 346 8.70 27.20 16.20
CA SER A 346 8.09 25.88 16.30
C SER A 346 8.38 25.04 15.06
N GLN A 347 8.91 23.84 15.28
CA GLN A 347 9.39 23.00 14.17
C GLN A 347 9.27 21.51 14.43
N VAL A 348 9.15 21.09 15.68
CA VAL A 348 9.10 19.64 15.99
C VAL A 348 7.72 19.10 15.61
N VAL A 349 7.72 18.00 14.87
CA VAL A 349 6.50 17.39 14.37
C VAL A 349 6.37 15.97 14.89
N VAL A 350 5.18 15.64 15.41
CA VAL A 350 4.90 14.27 15.78
C VAL A 350 4.20 13.59 14.62
N MET A 351 4.81 12.51 14.14
CA MET A 351 4.24 11.72 13.05
C MET A 351 3.24 10.71 13.61
N LYS A 352 2.06 10.62 13.00
CA LYS A 352 1.01 9.72 13.46
C LYS A 352 0.33 9.00 12.30
N SER A 353 0.06 7.71 12.47
CA SER A 353 -0.74 6.99 11.49
C SER A 353 -2.22 7.18 11.77
N LYS A 354 -2.97 7.42 10.71
CA LYS A 354 -4.42 7.32 10.73
C LYS A 354 -4.82 6.06 9.97
N ASN A 355 -5.96 5.50 10.38
CA ASN A 355 -6.57 4.36 9.71
C ASN A 355 -8.08 4.47 9.83
N ASP A 356 -8.77 4.36 8.69
CA ASP A 356 -10.23 4.38 8.67
C ASP A 356 -10.80 3.59 7.48
N GLN A 357 -11.99 3.97 7.04
CA GLN A 357 -12.68 3.29 5.94
C GLN A 357 -12.15 3.73 4.57
N GLY A 358 -11.57 4.92 4.52
CA GLY A 358 -11.03 5.49 3.29
C GLY A 358 -9.68 4.96 2.86
N ILE A 359 -9.00 5.74 2.01
CA ILE A 359 -7.71 5.37 1.43
C ILE A 359 -6.68 4.97 2.50
N THR A 360 -5.85 3.99 2.18
CA THR A 360 -4.83 3.50 3.10
C THR A 360 -3.63 4.47 3.15
N ASN A 361 -2.71 4.28 4.10
CA ASN A 361 -1.43 5.02 4.20
C ASN A 361 -1.53 6.51 4.61
N LYS A 362 -2.64 6.89 5.27
CA LYS A 362 -2.80 8.27 5.73
C LYS A 362 -1.82 8.58 6.88
N CYS A 363 -1.23 9.77 6.82
CA CYS A 363 -0.37 10.28 7.89
C CYS A 363 -0.84 11.65 8.36
N LYS A 364 -0.66 11.90 9.65
CA LYS A 364 -0.93 13.22 10.24
C LYS A 364 0.38 13.72 10.84
N MET A 365 0.51 15.04 10.92
CA MET A 365 1.72 15.67 11.42
C MET A 365 1.31 16.74 12.42
N ASN A 366 1.54 16.49 13.70
CA ASN A 366 1.16 17.42 14.76
C ASN A 366 2.35 18.28 15.17
N LEU A 367 2.28 19.57 14.83
CA LEU A 367 3.36 20.50 15.19
C LEU A 367 3.31 20.86 16.66
N GLN A 368 4.47 20.87 17.31
CA GLN A 368 4.58 21.21 18.73
C GLN A 368 5.61 22.30 18.97
N ASP A 369 5.37 23.16 19.95
CA ASP A 369 6.36 24.17 20.31
C ASP A 369 7.54 23.54 21.06
N ASN A 370 8.52 24.34 21.45
CA ASN A 370 9.71 23.76 22.06
C ASN A 370 9.52 23.25 23.49
N ASN A 371 8.36 23.53 24.08
CA ASN A 371 7.99 22.95 25.38
C ASN A 371 7.13 21.70 25.24
N GLY A 372 6.91 21.29 23.99
CA GLY A 372 6.13 20.10 23.66
C GLY A 372 4.62 20.27 23.67
N ASN A 373 4.15 21.51 23.73
CA ASN A 373 2.71 21.78 23.65
C ASN A 373 2.25 21.79 22.20
N ASP A 374 1.05 21.26 21.94
CA ASP A 374 0.51 21.19 20.58
C ASP A 374 0.24 22.55 19.94
N ILE A 375 0.81 22.80 18.75
CA ILE A 375 0.41 23.91 17.87
C ILE A 375 -0.74 23.47 16.95
N GLY A 376 -0.74 22.22 16.53
CA GLY A 376 -1.85 21.65 15.77
C GLY A 376 -1.42 20.83 14.57
N PHE A 377 -2.33 20.02 14.05
CA PHE A 377 -2.03 19.25 12.83
C PHE A 377 -1.74 20.17 11.63
N ILE A 378 -0.84 19.73 10.76
CA ILE A 378 -0.52 20.48 9.54
C ILE A 378 -1.58 20.18 8.50
N GLY A 379 -2.22 21.25 8.04
CA GLY A 379 -3.17 21.23 6.94
C GLY A 379 -3.02 22.48 6.09
N PHE A 380 -4.15 23.10 5.74
CA PHE A 380 -4.15 24.34 4.97
C PHE A 380 -5.33 25.24 5.33
N HIS A 381 -5.23 26.53 4.96
CA HIS A 381 -6.29 27.50 5.21
C HIS A 381 -6.24 28.61 4.15
N GLN A 382 -7.42 29.07 3.73
CA GLN A 382 -7.53 30.16 2.75
C GLN A 382 -7.21 31.53 3.33
N PHE A 383 -6.21 32.19 2.78
CA PHE A 383 -5.90 33.59 3.07
C PHE A 383 -5.83 34.38 1.74
N ASN A 384 -6.87 35.15 1.47
CA ASN A 384 -6.94 35.93 0.22
C ASN A 384 -6.79 35.04 -0.99
N ASN A 385 -7.67 34.05 -1.06
CA ASN A 385 -7.72 33.05 -2.11
C ASN A 385 -6.49 32.17 -2.26
N ILE A 386 -5.52 32.32 -1.35
CA ILE A 386 -4.32 31.49 -1.35
C ILE A 386 -4.49 30.42 -0.27
N ALA A 387 -4.30 29.16 -0.66
CA ALA A 387 -4.44 28.04 0.27
C ALA A 387 -3.08 27.76 0.93
N LYS A 388 -2.75 28.57 1.92
CA LYS A 388 -1.46 28.45 2.62
C LYS A 388 -1.43 27.25 3.57
N LEU A 389 -0.30 26.56 3.64
CA LEU A 389 -0.17 25.50 4.65
C LEU A 389 -0.05 26.11 6.04
N VAL A 390 -0.74 25.48 6.99
CA VAL A 390 -0.77 25.97 8.36
C VAL A 390 -0.68 24.80 9.36
N ALA A 391 -0.27 25.09 10.58
CA ALA A 391 -0.56 24.19 11.70
C ALA A 391 -1.74 24.79 12.46
N SER A 392 -2.77 23.99 12.72
CA SER A 392 -3.97 24.52 13.37
C SER A 392 -4.60 23.54 14.35
N ASN A 393 -4.79 24.02 15.58
CA ASN A 393 -5.40 23.20 16.64
C ASN A 393 -6.90 22.98 16.40
N TRP A 394 -7.45 23.71 15.43
CA TRP A 394 -8.80 23.47 14.92
C TRP A 394 -8.99 22.02 14.49
N TYR A 395 -8.00 21.46 13.81
CA TYR A 395 -8.04 20.06 13.39
C TYR A 395 -8.12 19.11 14.59
N ASN A 396 -7.26 19.34 15.57
CA ASN A 396 -7.13 18.49 16.75
C ASN A 396 -8.40 18.49 17.58
N ARG A 397 -9.20 19.55 17.42
CA ARG A 397 -10.45 19.72 18.16
C ARG A 397 -11.64 19.11 17.42
N GLN A 398 -11.43 18.69 16.17
CA GLN A 398 -12.48 18.07 15.37
C GLN A 398 -12.68 16.60 15.74
N ILE A 399 -13.86 16.06 15.40
CA ILE A 399 -14.17 14.63 15.61
C ILE A 399 -13.18 13.75 14.82
N GLU A 400 -12.64 12.75 15.48
CA GLU A 400 -11.68 11.81 14.88
C GLU A 400 -12.30 11.04 13.70
N ARG A 401 -11.51 10.88 12.64
CA ARG A 401 -11.86 10.10 11.44
C ARG A 401 -13.05 10.64 10.63
N SER A 402 -13.78 11.60 11.20
CA SER A 402 -14.86 12.29 10.49
C SER A 402 -14.27 13.20 9.41
N SER A 403 -15.10 13.66 8.48
CA SER A 403 -14.63 14.35 7.28
C SER A 403 -13.91 15.69 7.46
N ARG A 404 -13.88 16.19 8.70
CA ARG A 404 -13.21 17.45 9.02
C ARG A 404 -11.71 17.29 9.36
N THR A 405 -11.22 16.05 9.34
CA THR A 405 -9.79 15.77 9.48
C THR A 405 -9.18 15.39 8.13
N LEU A 406 -9.95 15.56 7.06
CA LEU A 406 -9.47 15.32 5.71
C LEU A 406 -8.34 16.27 5.33
N GLY A 407 -8.49 17.54 5.71
CA GLY A 407 -7.54 18.59 5.35
C GLY A 407 -6.14 18.45 5.94
N CYS A 408 -6.04 17.66 7.02
CA CYS A 408 -4.73 17.40 7.64
C CYS A 408 -4.32 15.93 7.47
N SER A 409 -4.83 15.30 6.43
CA SER A 409 -4.39 13.95 6.07
C SER A 409 -3.47 14.04 4.86
N TRP A 410 -2.26 13.51 4.99
CA TRP A 410 -1.26 13.59 3.94
C TRP A 410 -0.74 12.21 3.55
N GLU A 411 -0.27 12.09 2.31
CA GLU A 411 0.55 10.94 1.91
C GLU A 411 1.86 11.40 1.25
N PHE A 412 2.90 10.59 1.46
CA PHE A 412 4.25 10.85 0.98
C PHE A 412 4.53 9.93 -0.20
N ILE A 413 4.85 10.52 -1.36
CA ILE A 413 5.01 9.76 -2.61
C ILE A 413 6.44 9.83 -3.13
N PRO A 414 7.19 8.72 -3.04
CA PRO A 414 8.50 8.67 -3.69
C PRO A 414 8.37 8.18 -5.14
N VAL A 415 9.39 8.44 -5.97
CA VAL A 415 9.36 7.97 -7.34
C VAL A 415 9.43 6.43 -7.33
N ASP A 416 8.58 5.78 -8.12
CA ASP A 416 8.52 4.33 -8.13
C ASP A 416 8.34 3.78 -9.54
N ASP A 417 9.10 2.73 -9.86
CA ASP A 417 9.07 2.12 -11.20
C ASP A 417 7.71 1.61 -11.66
N GLY A 418 6.85 1.24 -10.73
CA GLY A 418 5.51 0.78 -11.05
C GLY A 418 4.53 1.90 -11.34
N TRP A 419 4.98 3.14 -11.20
CA TRP A 419 4.12 4.29 -11.53
C TRP A 419 4.45 4.83 -12.94
N GLY A 420 5.75 4.96 -13.22
CA GLY A 420 6.22 5.17 -14.58
C GLY A 420 6.24 6.60 -15.07
N GLU A 421 5.68 7.51 -14.27
CA GLU A 421 5.71 8.95 -14.60
C GLU A 421 7.14 9.46 -14.64
N ARG A 422 7.42 10.41 -15.56
CA ARG A 422 8.70 11.10 -15.62
C ARG A 422 8.60 12.46 -14.93
N PRO A 423 9.44 12.69 -13.91
CA PRO A 423 9.45 14.00 -13.27
C PRO A 423 9.72 15.10 -14.30
N LEU A 424 9.11 16.27 -14.12
CA LEU A 424 9.30 17.38 -15.06
C LEU A 424 10.73 17.94 -14.94
N GLN A 425 11.29 17.78 -13.76
CA GLN A 425 12.67 18.14 -13.43
C GLN A 425 13.18 17.33 -12.23
#